data_2LKQ
#
_entry.id   2LKQ
#
_entity_poly.entity_id   1
_entity_poly.type   'polypeptide(L)'
_entity_poly.pdbx_seq_one_letter_code
;SRSSLRSRWGRFLLQRGSWTGPRC
;
_entity_poly.pdbx_strand_id   A
#
# COMPACT_ATOMS: atom_id res chain seq x y z
N SER A 1 14.25 10.26 -7.87
CA SER A 1 14.49 8.84 -8.00
C SER A 1 13.22 8.09 -8.36
N ARG A 2 13.37 6.85 -8.82
CA ARG A 2 12.23 6.04 -9.21
C ARG A 2 11.53 5.45 -7.98
N SER A 3 11.02 6.34 -7.12
CA SER A 3 10.34 5.91 -5.90
C SER A 3 8.83 5.89 -6.11
N SER A 4 8.42 5.69 -7.36
CA SER A 4 7.00 5.65 -7.69
C SER A 4 6.53 4.23 -7.96
N LEU A 5 7.50 3.34 -8.17
CA LEU A 5 7.20 1.93 -8.43
C LEU A 5 7.86 1.02 -7.41
N ARG A 6 9.15 1.24 -7.18
CA ARG A 6 9.90 0.45 -6.21
C ARG A 6 9.55 0.86 -4.78
N SER A 7 8.73 1.88 -4.65
CA SER A 7 8.33 2.38 -3.34
C SER A 7 6.81 2.43 -3.22
N ARG A 8 6.13 2.24 -4.35
CA ARG A 8 4.67 2.26 -4.37
C ARG A 8 4.09 1.23 -3.41
N TRP A 9 4.78 0.09 -3.30
CA TRP A 9 4.33 -0.98 -2.41
C TRP A 9 4.57 -0.62 -0.96
N GLY A 10 5.23 0.50 -0.73
CA GLY A 10 5.51 0.94 0.62
C GLY A 10 4.27 1.42 1.35
N ARG A 11 3.60 2.42 0.79
CA ARG A 11 2.39 2.97 1.39
C ARG A 11 1.16 2.18 0.95
N PHE A 12 1.19 1.71 -0.29
CA PHE A 12 0.07 0.94 -0.83
C PHE A 12 -0.22 -0.30 0.03
N LEU A 13 0.83 -1.04 0.35
CA LEU A 13 0.68 -2.24 1.17
C LEU A 13 -0.04 -1.93 2.47
N LEU A 14 0.22 -0.74 3.01
CA LEU A 14 -0.41 -0.31 4.26
C LEU A 14 -1.93 -0.32 4.13
N GLN A 15 -2.41 -0.19 2.91
CA GLN A 15 -3.86 -0.18 2.65
C GLN A 15 -4.40 -1.60 2.56
N ARG A 16 -3.49 -2.57 2.58
CA ARG A 16 -3.88 -3.98 2.50
C ARG A 16 -3.42 -4.75 3.73
N GLY A 17 -2.54 -4.14 4.50
CA GLY A 17 -2.03 -4.78 5.70
C GLY A 17 -2.20 -3.92 6.93
N SER A 18 -2.42 -2.62 6.73
CA SER A 18 -2.60 -1.69 7.83
C SER A 18 -3.99 -1.08 7.80
N TRP A 19 -4.70 -1.25 6.69
CA TRP A 19 -6.04 -0.71 6.54
C TRP A 19 -7.05 -1.83 6.29
N THR A 20 -7.57 -2.39 7.38
CA THR A 20 -8.54 -3.47 7.27
C THR A 20 -9.96 -2.97 7.50
N GLY A 21 -10.33 -1.92 6.76
CA GLY A 21 -11.66 -1.35 6.90
C GLY A 21 -12.75 -2.38 6.70
N PRO A 22 -14.02 -1.95 6.85
CA PRO A 22 -15.17 -2.83 6.70
C PRO A 22 -15.38 -3.26 5.25
N ARG A 23 -14.67 -4.30 4.84
CA ARG A 23 -14.78 -4.82 3.48
C ARG A 23 -14.06 -6.16 3.35
N CYS A 24 -14.55 -7.00 2.43
CA CYS A 24 -13.95 -8.31 2.22
C CYS A 24 -12.74 -8.22 1.28
N SER A 1 14.22 2.86 -8.73
CA SER A 1 15.08 3.94 -9.22
C SER A 1 14.91 5.19 -8.36
N ARG A 2 13.69 5.72 -8.33
CA ARG A 2 13.40 6.92 -7.56
C ARG A 2 12.44 6.61 -6.41
N SER A 3 12.55 5.40 -5.88
CA SER A 3 11.69 4.96 -4.78
C SER A 3 10.22 5.03 -5.17
N SER A 4 9.96 5.02 -6.48
CA SER A 4 8.60 5.09 -6.98
C SER A 4 8.08 3.69 -7.36
N LEU A 5 9.01 2.74 -7.47
CA LEU A 5 8.66 1.37 -7.81
C LEU A 5 9.09 0.40 -6.72
N ARG A 6 10.32 0.55 -6.26
CA ARG A 6 10.85 -0.31 -5.21
C ARG A 6 10.29 0.10 -3.85
N SER A 7 9.52 1.17 -3.82
CA SER A 7 8.93 1.66 -2.58
C SER A 7 7.41 1.80 -2.72
N ARG A 8 6.92 1.66 -3.95
CA ARG A 8 5.50 1.76 -4.22
C ARG A 8 4.71 0.75 -3.39
N TRP A 9 5.31 -0.42 -3.18
CA TRP A 9 4.67 -1.48 -2.40
C TRP A 9 4.67 -1.13 -0.91
N GLY A 10 5.32 -0.04 -0.56
CA GLY A 10 5.38 0.37 0.83
C GLY A 10 4.06 0.95 1.32
N ARG A 11 3.55 1.95 0.61
CA ARG A 11 2.29 2.59 0.98
C ARG A 11 1.11 1.88 0.32
N PHE A 12 1.34 1.33 -0.86
CA PHE A 12 0.30 0.61 -1.60
C PHE A 12 -0.19 -0.60 -0.81
N LEU A 13 0.74 -1.39 -0.31
CA LEU A 13 0.41 -2.58 0.47
C LEU A 13 -0.54 -2.23 1.62
N LEU A 14 -0.36 -1.05 2.18
CA LEU A 14 -1.20 -0.59 3.29
C LEU A 14 -2.67 -0.56 2.89
N GLN A 15 -2.91 -0.40 1.60
CA GLN A 15 -4.27 -0.36 1.07
C GLN A 15 -4.83 -1.77 0.88
N ARG A 16 -3.98 -2.77 1.09
CA ARG A 16 -4.39 -4.16 0.94
C ARG A 16 -4.19 -4.93 2.24
N GLY A 17 -3.44 -4.33 3.16
CA GLY A 17 -3.19 -4.98 4.43
C GLY A 17 -3.59 -4.11 5.61
N SER A 18 -3.74 -2.81 5.37
CA SER A 18 -4.12 -1.88 6.41
C SER A 18 -5.47 -1.23 6.11
N TRP A 19 -5.92 -1.38 4.87
CA TRP A 19 -7.20 -0.82 4.45
C TRP A 19 -8.16 -1.92 4.00
N THR A 20 -8.89 -2.48 4.97
CA THR A 20 -9.85 -3.53 4.68
C THR A 20 -11.27 -2.99 4.61
N GLY A 21 -11.40 -1.68 4.71
CA GLY A 21 -12.71 -1.06 4.66
C GLY A 21 -13.66 -1.62 5.69
N PRO A 22 -14.90 -1.11 5.71
CA PRO A 22 -15.93 -1.55 6.65
C PRO A 22 -16.43 -2.95 6.34
N ARG A 23 -16.57 -3.77 7.38
CA ARG A 23 -17.04 -5.14 7.21
C ARG A 23 -18.43 -5.17 6.59
N CYS A 24 -18.67 -6.13 5.71
CA CYS A 24 -19.95 -6.27 5.05
C CYS A 24 -20.98 -6.92 5.97
N SER A 1 16.46 5.28 -8.33
CA SER A 1 16.00 6.62 -8.71
C SER A 1 14.48 6.67 -8.80
N ARG A 2 13.89 5.54 -9.19
CA ARG A 2 12.44 5.45 -9.33
C ARG A 2 11.82 4.72 -8.15
N SER A 3 11.45 5.47 -7.11
CA SER A 3 10.86 4.88 -5.92
C SER A 3 9.34 4.99 -5.96
N SER A 4 8.78 5.09 -7.16
CA SER A 4 7.35 5.21 -7.34
C SER A 4 6.71 3.85 -7.61
N LEU A 5 7.55 2.87 -7.95
CA LEU A 5 7.07 1.53 -8.24
C LEU A 5 7.71 0.52 -7.28
N ARG A 6 9.03 0.61 -7.13
CA ARG A 6 9.76 -0.30 -6.25
C ARG A 6 9.54 0.08 -4.78
N SER A 7 8.83 1.17 -4.55
CA SER A 7 8.57 1.65 -3.20
C SER A 7 7.07 1.83 -2.98
N ARG A 8 6.30 1.76 -4.06
CA ARG A 8 4.85 1.91 -3.98
C ARG A 8 4.25 0.89 -3.02
N TRP A 9 4.83 -0.30 -2.99
CA TRP A 9 4.34 -1.37 -2.13
C TRP A 9 4.71 -1.10 -0.67
N GLY A 10 5.48 -0.03 -0.45
CA GLY A 10 5.89 0.31 0.90
C GLY A 10 4.75 0.90 1.71
N ARG A 11 4.08 1.90 1.16
CA ARG A 11 2.96 2.54 1.84
C ARG A 11 1.63 1.92 1.42
N PHE A 12 1.52 1.59 0.15
CA PHE A 12 0.29 0.98 -0.38
C PHE A 12 -0.12 -0.22 0.46
N LEU A 13 0.85 -1.03 0.85
CA LEU A 13 0.59 -2.22 1.65
C LEU A 13 -0.22 -1.86 2.91
N LEU A 14 -0.01 -0.65 3.40
CA LEU A 14 -0.72 -0.18 4.59
C LEU A 14 -2.23 -0.21 4.37
N GLN A 15 -2.64 -0.08 3.11
CA GLN A 15 -4.06 -0.08 2.76
C GLN A 15 -4.59 -1.51 2.66
N ARG A 16 -3.67 -2.49 2.77
CA ARG A 16 -4.05 -3.89 2.68
C ARG A 16 -3.68 -4.63 3.96
N GLY A 17 -2.86 -4.00 4.79
CA GLY A 17 -2.44 -4.61 6.03
C GLY A 17 -2.73 -3.73 7.24
N SER A 18 -2.95 -2.45 6.99
CA SER A 18 -3.24 -1.51 8.06
C SER A 18 -4.63 -0.91 7.91
N TRP A 19 -5.22 -1.10 6.73
CA TRP A 19 -6.55 -0.58 6.45
C TRP A 19 -7.52 -1.71 6.14
N THR A 20 -8.11 -2.29 7.18
CA THR A 20 -9.06 -3.39 7.01
C THR A 20 -10.49 -2.89 7.09
N GLY A 21 -10.80 -1.85 6.32
CA GLY A 21 -12.15 -1.30 6.31
C GLY A 21 -13.19 -2.35 6.03
N PRO A 22 -14.47 -1.93 6.06
CA PRO A 22 -15.60 -2.83 5.80
C PRO A 22 -15.68 -3.26 4.35
N ARG A 23 -14.95 -4.31 4.00
CA ARG A 23 -14.93 -4.83 2.65
C ARG A 23 -15.50 -6.25 2.59
N CYS A 24 -15.63 -6.79 1.38
CA CYS A 24 -16.15 -8.13 1.19
C CYS A 24 -17.49 -8.29 1.92
N SER A 1 13.40 10.44 -10.35
CA SER A 1 13.45 9.25 -9.51
C SER A 1 12.29 8.30 -9.84
N ARG A 2 12.52 7.01 -9.61
CA ARG A 2 11.50 6.00 -9.87
C ARG A 2 11.06 5.31 -8.58
N SER A 3 10.29 6.02 -7.78
CA SER A 3 9.81 5.49 -6.51
C SER A 3 8.28 5.39 -6.51
N SER A 4 7.70 5.30 -7.69
CA SER A 4 6.25 5.21 -7.83
C SER A 4 5.81 3.76 -7.94
N LEU A 5 6.76 2.87 -8.21
CA LEU A 5 6.47 1.44 -8.35
C LEU A 5 7.26 0.64 -7.34
N ARG A 6 8.56 0.93 -7.23
CA ARG A 6 9.43 0.23 -6.30
C ARG A 6 9.20 0.70 -4.86
N SER A 7 8.34 1.71 -4.72
CA SER A 7 8.03 2.27 -3.41
C SER A 7 6.53 2.24 -3.14
N ARG A 8 5.75 1.98 -4.19
CA ARG A 8 4.31 1.94 -4.08
C ARG A 8 3.87 0.92 -3.03
N TRP A 9 4.56 -0.22 -2.99
CA TRP A 9 4.24 -1.27 -2.04
C TRP A 9 4.58 -0.83 -0.61
N GLY A 10 5.26 0.30 -0.49
CA GLY A 10 5.63 0.82 0.81
C GLY A 10 4.42 1.26 1.62
N ARG A 11 3.66 2.21 1.07
CA ARG A 11 2.47 2.71 1.75
C ARG A 11 1.24 1.87 1.41
N PHE A 12 1.17 1.43 0.16
CA PHE A 12 0.04 0.61 -0.30
C PHE A 12 -0.19 -0.56 0.65
N LEU A 13 0.89 -1.23 1.03
CA LEU A 13 0.81 -2.38 1.92
C LEU A 13 0.05 -2.02 3.20
N LEU A 14 0.21 -0.78 3.64
CA LEU A 14 -0.46 -0.30 4.85
C LEU A 14 -1.97 -0.43 4.72
N GLN A 15 -2.46 -0.42 3.48
CA GLN A 15 -3.89 -0.54 3.21
C GLN A 15 -4.33 -1.99 3.21
N ARG A 16 -3.36 -2.90 3.33
CA ARG A 16 -3.64 -4.33 3.33
C ARG A 16 -3.13 -4.98 4.62
N GLY A 17 -2.30 -4.24 5.35
CA GLY A 17 -1.75 -4.77 6.59
C GLY A 17 -1.97 -3.83 7.76
N SER A 18 -2.30 -2.58 7.46
CA SER A 18 -2.53 -1.59 8.49
C SER A 18 -3.98 -1.07 8.45
N TRP A 19 -4.66 -1.36 7.35
CA TRP A 19 -6.05 -0.94 7.19
C TRP A 19 -6.87 -2.03 6.53
N THR A 20 -7.61 -2.78 7.33
CA THR A 20 -8.44 -3.86 6.83
C THR A 20 -9.93 -3.51 6.96
N GLY A 21 -10.35 -2.48 6.24
CA GLY A 21 -11.74 -2.07 6.28
C GLY A 21 -12.67 -3.09 5.68
N PRO A 22 -13.92 -2.69 5.42
CA PRO A 22 -14.94 -3.57 4.84
C PRO A 22 -14.65 -3.89 3.37
N ARG A 23 -13.64 -3.24 2.82
CA ARG A 23 -13.26 -3.45 1.43
C ARG A 23 -11.74 -3.50 1.28
N CYS A 24 -11.21 -4.71 1.11
CA CYS A 24 -9.78 -4.89 0.96
C CYS A 24 -9.47 -6.18 0.19
N SER A 1 14.56 7.84 -8.16
CA SER A 1 14.46 7.12 -9.43
C SER A 1 13.58 5.89 -9.28
N ARG A 2 12.47 5.87 -10.00
CA ARG A 2 11.53 4.75 -9.96
C ARG A 2 11.09 4.47 -8.52
N SER A 3 10.95 5.53 -7.74
CA SER A 3 10.53 5.40 -6.35
C SER A 3 9.02 5.34 -6.23
N SER A 4 8.33 5.98 -7.17
CA SER A 4 6.87 6.01 -7.17
C SER A 4 6.30 4.61 -7.35
N LEU A 5 7.16 3.69 -7.79
CA LEU A 5 6.75 2.30 -7.99
C LEU A 5 7.50 1.35 -7.06
N ARG A 6 8.77 1.67 -6.82
CA ARG A 6 9.60 0.86 -5.94
C ARG A 6 9.31 1.17 -4.47
N SER A 7 8.50 2.19 -4.24
CA SER A 7 8.14 2.59 -2.88
C SER A 7 6.63 2.60 -2.69
N ARG A 8 5.90 2.47 -3.80
CA ARG A 8 4.44 2.46 -3.76
C ARG A 8 3.93 1.38 -2.81
N TRP A 9 4.60 0.23 -2.83
CA TRP A 9 4.21 -0.90 -1.99
C TRP A 9 4.43 -0.57 -0.52
N GLY A 10 5.14 0.53 -0.27
CA GLY A 10 5.41 0.93 1.11
C GLY A 10 4.16 1.40 1.83
N ARG A 11 3.51 2.42 1.28
CA ARG A 11 2.30 2.96 1.89
C ARG A 11 1.07 2.18 1.44
N PHE A 12 1.13 1.61 0.24
CA PHE A 12 0.02 0.84 -0.29
C PHE A 12 -0.24 -0.40 0.56
N LEU A 13 0.82 -1.13 0.87
CA LEU A 13 0.70 -2.34 1.69
C LEU A 13 -0.03 -2.05 2.99
N LEU A 14 0.23 -0.88 3.56
CA LEU A 14 -0.41 -0.47 4.81
C LEU A 14 -1.93 -0.48 4.68
N GLN A 15 -2.41 -0.30 3.44
CA GLN A 15 -3.84 -0.28 3.17
C GLN A 15 -4.39 -1.69 3.05
N ARG A 16 -3.50 -2.68 3.09
CA ARG A 16 -3.89 -4.08 2.97
C ARG A 16 -3.43 -4.88 4.19
N GLY A 17 -2.55 -4.27 4.99
CA GLY A 17 -2.04 -4.94 6.16
C GLY A 17 -2.23 -4.11 7.43
N SER A 18 -2.48 -2.82 7.25
CA SER A 18 -2.67 -1.92 8.38
C SER A 18 -4.07 -1.30 8.35
N TRP A 19 -4.74 -1.42 7.21
CA TRP A 19 -6.09 -0.89 7.06
C TRP A 19 -7.00 -1.88 6.33
N THR A 20 -7.79 -2.62 7.10
CA THR A 20 -8.70 -3.61 6.53
C THR A 20 -10.15 -3.14 6.63
N GLY A 21 -10.40 -1.89 6.26
CA GLY A 21 -11.74 -1.35 6.31
C GLY A 21 -12.73 -2.17 5.53
N PRO A 22 -13.99 -1.72 5.51
CA PRO A 22 -15.07 -2.42 4.79
C PRO A 22 -14.91 -2.32 3.28
N ARG A 23 -15.19 -3.42 2.58
CA ARG A 23 -15.07 -3.47 1.14
C ARG A 23 -16.44 -3.57 0.47
N CYS A 24 -17.39 -4.16 1.20
CA CYS A 24 -18.75 -4.32 0.69
C CYS A 24 -19.44 -2.97 0.53
N SER A 1 12.30 4.89 -11.72
CA SER A 1 13.16 4.08 -10.85
C SER A 1 13.67 4.91 -9.68
N ARG A 2 12.79 5.73 -9.11
CA ARG A 2 13.15 6.58 -7.98
C ARG A 2 12.31 6.24 -6.75
N SER A 3 12.34 4.96 -6.37
CA SER A 3 11.58 4.50 -5.22
C SER A 3 10.09 4.73 -5.41
N SER A 4 9.69 4.90 -6.67
CA SER A 4 8.28 5.14 -7.00
C SER A 4 7.60 3.84 -7.43
N LEU A 5 8.41 2.84 -7.75
CA LEU A 5 7.88 1.55 -8.19
C LEU A 5 8.33 0.44 -7.23
N ARG A 6 9.62 0.42 -6.90
CA ARG A 6 10.17 -0.58 -6.01
C ARG A 6 9.79 -0.28 -4.56
N SER A 7 9.15 0.86 -4.35
CA SER A 7 8.74 1.27 -3.01
C SER A 7 7.24 1.54 -2.95
N ARG A 8 6.61 1.58 -4.12
CA ARG A 8 5.17 1.84 -4.21
C ARG A 8 4.39 0.81 -3.39
N TRP A 9 4.90 -0.42 -3.33
CA TRP A 9 4.25 -1.48 -2.58
C TRP A 9 4.43 -1.29 -1.09
N GLY A 10 5.19 -0.26 -0.71
CA GLY A 10 5.42 0.01 0.69
C GLY A 10 4.24 0.70 1.35
N ARG A 11 3.77 1.79 0.74
CA ARG A 11 2.65 2.54 1.28
C ARG A 11 1.33 2.02 0.71
N PHE A 12 1.39 1.43 -0.47
CA PHE A 12 0.21 0.88 -1.12
C PHE A 12 -0.31 -0.35 -0.38
N LEU A 13 0.59 -1.27 -0.09
CA LEU A 13 0.23 -2.50 0.63
C LEU A 13 -0.54 -2.18 1.91
N LEU A 14 -0.22 -1.04 2.51
CA LEU A 14 -0.88 -0.62 3.75
C LEU A 14 -2.38 -0.48 3.54
N GLN A 15 -2.78 -0.18 2.31
CA GLN A 15 -4.19 -0.02 1.98
C GLN A 15 -4.84 -1.38 1.72
N ARG A 16 -4.04 -2.44 1.76
CA ARG A 16 -4.53 -3.79 1.53
C ARG A 16 -4.23 -4.68 2.73
N GLY A 17 -3.37 -4.21 3.62
CA GLY A 17 -3.02 -4.99 4.79
C GLY A 17 -3.20 -4.20 6.08
N SER A 18 -3.29 -2.89 5.95
CA SER A 18 -3.47 -2.02 7.12
C SER A 18 -4.81 -1.29 7.06
N TRP A 19 -5.42 -1.29 5.88
CA TRP A 19 -6.71 -0.62 5.69
C TRP A 19 -7.63 -1.46 4.81
N THR A 20 -8.52 -2.21 5.46
CA THR A 20 -9.46 -3.06 4.73
C THR A 20 -10.83 -2.40 4.63
N GLY A 21 -10.86 -1.09 4.84
CA GLY A 21 -12.12 -0.36 4.76
C GLY A 21 -13.20 -0.98 5.62
N PRO A 22 -14.45 -0.55 5.40
CA PRO A 22 -15.60 -1.06 6.15
C PRO A 22 -15.93 -2.52 5.81
N ARG A 23 -15.19 -3.44 6.42
CA ARG A 23 -15.40 -4.85 6.18
C ARG A 23 -15.45 -5.63 7.50
N CYS A 24 -16.40 -5.27 8.35
CA CYS A 24 -16.56 -5.92 9.65
C CYS A 24 -18.02 -5.96 10.06
N SER A 1 15.89 8.48 -7.18
CA SER A 1 15.64 7.14 -7.67
C SER A 1 14.16 6.93 -7.96
N ARG A 2 13.85 5.84 -8.66
CA ARG A 2 12.46 5.53 -8.98
C ARG A 2 11.74 4.92 -7.78
N SER A 3 11.28 5.79 -6.88
CA SER A 3 10.58 5.35 -5.69
C SER A 3 9.07 5.48 -5.88
N SER A 4 8.62 5.39 -7.12
CA SER A 4 7.19 5.50 -7.44
C SER A 4 6.61 4.14 -7.79
N LEU A 5 7.49 3.17 -8.06
CA LEU A 5 7.05 1.83 -8.41
C LEU A 5 7.65 0.81 -7.44
N ARG A 6 8.95 0.89 -7.23
CA ARG A 6 9.63 -0.02 -6.32
C ARG A 6 9.34 0.32 -4.86
N SER A 7 8.62 1.41 -4.66
CA SER A 7 8.28 1.86 -3.31
C SER A 7 6.76 2.04 -3.16
N ARG A 8 6.06 1.98 -4.30
CA ARG A 8 4.61 2.13 -4.29
C ARG A 8 3.95 1.09 -3.39
N TRP A 9 4.53 -0.10 -3.35
CA TRP A 9 4.01 -1.19 -2.53
C TRP A 9 4.28 -0.93 -1.05
N GLY A 10 5.04 0.12 -0.77
CA GLY A 10 5.37 0.46 0.61
C GLY A 10 4.18 1.00 1.37
N ARG A 11 3.59 2.08 0.86
CA ARG A 11 2.44 2.70 1.50
C ARG A 11 1.13 2.05 1.03
N PHE A 12 1.11 1.62 -0.23
CA PHE A 12 -0.06 0.99 -0.80
C PHE A 12 -0.45 -0.26 -0.01
N LEU A 13 0.53 -1.10 0.28
CA LEU A 13 0.29 -2.33 1.03
C LEU A 13 -0.40 -2.02 2.36
N LEU A 14 -0.03 -0.90 2.97
CA LEU A 14 -0.63 -0.50 4.24
C LEU A 14 -2.13 -0.33 4.11
N GLN A 15 -2.59 -0.12 2.88
CA GLN A 15 -4.02 0.06 2.62
C GLN A 15 -4.74 -1.28 2.54
N ARG A 16 -3.95 -2.35 2.52
CA ARG A 16 -4.52 -3.70 2.44
C ARG A 16 -4.12 -4.53 3.65
N GLY A 17 -3.09 -4.06 4.36
CA GLY A 17 -2.62 -4.77 5.54
C GLY A 17 -2.74 -3.94 6.80
N SER A 18 -2.86 -2.63 6.64
CA SER A 18 -2.98 -1.72 7.77
C SER A 18 -4.32 -0.98 7.74
N TRP A 19 -5.00 -1.04 6.60
CA TRP A 19 -6.29 -0.38 6.44
C TRP A 19 -7.38 -1.39 6.13
N THR A 20 -7.95 -1.97 7.18
CA THR A 20 -9.01 -2.96 7.01
C THR A 20 -10.39 -2.33 7.21
N GLY A 21 -10.63 -1.23 6.51
CA GLY A 21 -11.91 -0.55 6.63
C GLY A 21 -13.08 -1.46 6.37
N PRO A 22 -14.30 -0.94 6.51
CA PRO A 22 -15.53 -1.70 6.29
C PRO A 22 -15.75 -2.04 4.82
N ARG A 23 -15.35 -3.24 4.44
CA ARG A 23 -15.51 -3.70 3.06
C ARG A 23 -16.83 -4.42 2.86
N CYS A 24 -17.03 -5.50 3.63
CA CYS A 24 -18.25 -6.28 3.54
C CYS A 24 -19.03 -6.23 4.85
N SER A 1 13.25 4.14 -12.47
CA SER A 1 12.94 3.74 -11.11
C SER A 1 13.18 4.88 -10.12
N ARG A 2 12.12 5.60 -9.80
CA ARG A 2 12.21 6.73 -8.88
C ARG A 2 11.44 6.44 -7.59
N SER A 3 11.61 5.22 -7.08
CA SER A 3 10.93 4.81 -5.85
C SER A 3 9.41 4.89 -6.01
N SER A 4 8.96 4.88 -7.27
CA SER A 4 7.53 4.96 -7.56
C SER A 4 6.96 3.56 -7.84
N LEU A 5 7.85 2.60 -8.07
CA LEU A 5 7.44 1.24 -8.35
C LEU A 5 8.02 0.28 -7.32
N ARG A 6 9.31 0.40 -7.05
CA ARG A 6 10.00 -0.45 -6.09
C ARG A 6 9.65 -0.03 -4.66
N SER A 7 8.90 1.05 -4.53
CA SER A 7 8.51 1.57 -3.22
C SER A 7 6.99 1.70 -3.12
N ARG A 8 6.31 1.57 -4.25
CA ARG A 8 4.86 1.68 -4.30
C ARG A 8 4.21 0.67 -3.36
N TRP A 9 4.82 -0.50 -3.24
CA TRP A 9 4.30 -1.56 -2.38
C TRP A 9 4.52 -1.21 -0.91
N GLY A 10 5.26 -0.13 -0.67
CA GLY A 10 5.54 0.28 0.69
C GLY A 10 4.32 0.84 1.40
N ARG A 11 3.71 1.86 0.80
CA ARG A 11 2.52 2.49 1.39
C ARG A 11 1.26 1.78 0.92
N PHE A 12 1.28 1.29 -0.32
CA PHE A 12 0.12 0.60 -0.89
C PHE A 12 -0.26 -0.61 -0.04
N LEU A 13 0.74 -1.40 0.32
CA LEU A 13 0.52 -2.60 1.14
C LEU A 13 -0.22 -2.24 2.43
N LEU A 14 0.09 -1.08 2.98
CA LEU A 14 -0.54 -0.63 4.21
C LEU A 14 -2.05 -0.49 4.02
N GLN A 15 -2.48 -0.40 2.77
CA GLN A 15 -3.90 -0.26 2.46
C GLN A 15 -4.57 -1.63 2.43
N ARG A 16 -3.77 -2.68 2.47
CA ARG A 16 -4.29 -4.05 2.45
C ARG A 16 -3.92 -4.80 3.72
N GLY A 17 -2.92 -4.27 4.44
CA GLY A 17 -2.48 -4.91 5.66
C GLY A 17 -2.60 -4.00 6.86
N SER A 18 -2.73 -2.70 6.61
CA SER A 18 -2.86 -1.72 7.68
C SER A 18 -4.20 -1.00 7.61
N TRP A 19 -4.89 -1.15 6.49
CA TRP A 19 -6.19 -0.53 6.30
C TRP A 19 -7.27 -1.57 6.06
N THR A 20 -7.86 -2.06 7.14
CA THR A 20 -8.91 -3.07 7.04
C THR A 20 -10.30 -2.44 7.24
N GLY A 21 -10.60 -1.44 6.42
CA GLY A 21 -11.89 -0.77 6.51
C GLY A 21 -13.05 -1.73 6.36
N PRO A 22 -14.27 -1.19 6.37
CA PRO A 22 -15.50 -1.99 6.25
C PRO A 22 -15.66 -2.58 4.85
N ARG A 23 -14.78 -2.17 3.94
CA ARG A 23 -14.83 -2.65 2.57
C ARG A 23 -13.49 -2.44 1.86
N CYS A 24 -12.93 -3.53 1.35
CA CYS A 24 -11.64 -3.46 0.66
C CYS A 24 -11.83 -3.65 -0.85
N SER A 1 17.49 7.30 -8.05
CA SER A 1 16.67 7.32 -6.85
C SER A 1 15.19 7.32 -7.21
N ARG A 2 14.73 6.24 -7.84
CA ARG A 2 13.34 6.11 -8.24
C ARG A 2 12.56 5.31 -7.22
N SER A 3 12.02 5.99 -6.21
CA SER A 3 11.25 5.35 -5.16
C SER A 3 9.75 5.48 -5.42
N SER A 4 9.39 5.65 -6.70
CA SER A 4 8.00 5.79 -7.08
C SER A 4 7.42 4.44 -7.53
N LEU A 5 8.31 3.49 -7.80
CA LEU A 5 7.89 2.16 -8.23
C LEU A 5 8.37 1.09 -7.26
N ARG A 6 9.64 1.17 -6.89
CA ARG A 6 10.23 0.20 -5.97
C ARG A 6 9.79 0.50 -4.53
N SER A 7 9.05 1.59 -4.35
CA SER A 7 8.57 1.98 -3.03
C SER A 7 7.06 2.15 -3.03
N ARG A 8 6.47 2.14 -4.22
CA ARG A 8 5.02 2.30 -4.36
C ARG A 8 4.28 1.24 -3.57
N TRP A 9 4.85 0.04 -3.51
CA TRP A 9 4.24 -1.06 -2.78
C TRP A 9 4.37 -0.86 -1.28
N GLY A 10 5.09 0.18 -0.88
CA GLY A 10 5.28 0.47 0.52
C GLY A 10 4.01 1.01 1.18
N ARG A 11 3.47 2.07 0.60
CA ARG A 11 2.26 2.69 1.12
C ARG A 11 1.01 2.08 0.49
N PHE A 12 1.15 1.60 -0.74
CA PHE A 12 0.03 0.98 -1.45
C PHE A 12 -0.43 -0.28 -0.74
N LEU A 13 0.52 -1.12 -0.35
CA LEU A 13 0.20 -2.37 0.33
C LEU A 13 -0.66 -2.11 1.57
N LEU A 14 -0.37 -1.01 2.26
CA LEU A 14 -1.12 -0.65 3.45
C LEU A 14 -2.60 -0.47 3.14
N GLN A 15 -2.90 -0.23 1.86
CA GLN A 15 -4.28 -0.04 1.43
C GLN A 15 -4.98 -1.38 1.22
N ARG A 16 -4.19 -2.45 1.25
CA ARG A 16 -4.73 -3.80 1.07
C ARG A 16 -4.49 -4.66 2.30
N GLY A 17 -3.56 -4.22 3.15
CA GLY A 17 -3.25 -4.97 4.36
C GLY A 17 -3.54 -4.17 5.61
N SER A 18 -3.66 -2.86 5.48
CA SER A 18 -3.93 -1.98 6.61
C SER A 18 -5.26 -1.26 6.43
N TRP A 19 -5.77 -1.27 5.20
CA TRP A 19 -7.04 -0.62 4.89
C TRP A 19 -8.07 -1.62 4.41
N THR A 20 -8.78 -2.23 5.36
CA THR A 20 -9.80 -3.22 5.03
C THR A 20 -11.19 -2.60 5.07
N GLY A 21 -11.25 -1.29 5.30
CA GLY A 21 -12.52 -0.61 5.37
C GLY A 21 -13.46 -1.22 6.38
N PRO A 22 -14.67 -0.64 6.51
CA PRO A 22 -15.69 -1.12 7.44
C PRO A 22 -16.27 -2.46 7.02
N ARG A 23 -15.54 -3.53 7.28
CA ARG A 23 -15.99 -4.87 6.94
C ARG A 23 -17.21 -5.28 7.76
N CYS A 24 -18.10 -6.06 7.15
CA CYS A 24 -19.30 -6.51 7.85
C CYS A 24 -19.33 -8.03 7.92
N SER A 1 11.63 8.39 -11.41
CA SER A 1 12.20 7.05 -11.40
C SER A 1 13.03 6.83 -10.14
N ARG A 2 12.51 7.25 -9.00
CA ARG A 2 13.20 7.10 -7.73
C ARG A 2 12.22 6.77 -6.61
N SER A 3 12.27 5.52 -6.14
CA SER A 3 11.39 5.08 -5.08
C SER A 3 9.93 5.14 -5.51
N SER A 4 9.70 5.03 -6.82
CA SER A 4 8.34 5.08 -7.37
C SER A 4 7.87 3.70 -7.77
N LEU A 5 8.80 2.75 -7.87
CA LEU A 5 8.48 1.38 -8.25
C LEU A 5 8.93 0.40 -7.18
N ARG A 6 10.17 0.55 -6.74
CA ARG A 6 10.73 -0.33 -5.71
C ARG A 6 10.18 0.03 -4.34
N SER A 7 9.40 1.10 -4.28
CA SER A 7 8.81 1.56 -3.02
C SER A 7 7.30 1.69 -3.13
N ARG A 8 6.80 1.58 -4.36
CA ARG A 8 5.36 1.68 -4.61
C ARG A 8 4.60 0.64 -3.81
N TRP A 9 5.20 -0.53 -3.65
CA TRP A 9 4.57 -1.61 -2.90
C TRP A 9 4.63 -1.35 -1.39
N GLY A 10 5.28 -0.26 -1.02
CA GLY A 10 5.40 0.09 0.38
C GLY A 10 4.10 0.59 0.96
N ARG A 11 3.57 1.66 0.40
CA ARG A 11 2.31 2.24 0.86
C ARG A 11 1.12 1.55 0.22
N PHE A 12 1.28 1.14 -1.03
CA PHE A 12 0.22 0.47 -1.77
C PHE A 12 -0.24 -0.79 -1.04
N LEU A 13 0.72 -1.61 -0.62
CA LEU A 13 0.41 -2.85 0.09
C LEU A 13 -0.46 -2.57 1.31
N LEU A 14 -0.20 -1.45 1.98
CA LEU A 14 -0.97 -1.06 3.16
C LEU A 14 -2.45 -0.92 2.82
N GLN A 15 -2.75 -0.72 1.55
CA GLN A 15 -4.13 -0.56 1.10
C GLN A 15 -4.79 -1.93 0.92
N ARG A 16 -3.99 -2.99 0.99
CA ARG A 16 -4.51 -4.34 0.83
C ARG A 16 -4.25 -5.17 2.09
N GLY A 17 -3.34 -4.68 2.94
CA GLY A 17 -3.02 -5.38 4.16
C GLY A 17 -3.34 -4.57 5.40
N SER A 18 -3.46 -3.25 5.22
CA SER A 18 -3.75 -2.36 6.33
C SER A 18 -5.09 -1.65 6.12
N TRP A 19 -5.60 -1.72 4.90
CA TRP A 19 -6.87 -1.09 4.57
C TRP A 19 -7.89 -2.13 4.12
N THR A 20 -8.60 -2.72 5.08
CA THR A 20 -9.60 -3.73 4.78
C THR A 20 -11.01 -3.14 4.81
N GLY A 21 -11.08 -1.82 4.97
CA GLY A 21 -12.36 -1.15 5.02
C GLY A 21 -13.29 -1.73 6.06
N PRO A 22 -14.51 -1.18 6.16
CA PRO A 22 -15.51 -1.64 7.11
C PRO A 22 -16.07 -3.01 6.77
N ARG A 23 -17.01 -3.49 7.58
CA ARG A 23 -17.61 -4.80 7.35
C ARG A 23 -16.57 -5.90 7.38
N CYS A 24 -15.64 -5.81 8.32
CA CYS A 24 -14.57 -6.80 8.45
C CYS A 24 -15.14 -8.17 8.76
N SER A 1 13.67 3.76 -12.73
CA SER A 1 13.01 3.58 -11.44
C SER A 1 13.20 4.81 -10.56
N ARG A 2 12.09 5.42 -10.17
CA ARG A 2 12.12 6.61 -9.32
C ARG A 2 11.34 6.38 -8.04
N SER A 3 11.51 5.21 -7.44
CA SER A 3 10.80 4.87 -6.21
C SER A 3 9.29 4.91 -6.41
N SER A 4 8.87 4.80 -7.66
CA SER A 4 7.45 4.84 -7.99
C SER A 4 6.89 3.43 -8.18
N LEU A 5 7.80 2.47 -8.33
CA LEU A 5 7.40 1.07 -8.52
C LEU A 5 8.01 0.19 -7.43
N ARG A 6 9.29 0.37 -7.16
CA ARG A 6 9.98 -0.40 -6.15
C ARG A 6 9.62 0.08 -4.74
N SER A 7 8.83 1.16 -4.69
CA SER A 7 8.42 1.72 -3.40
C SER A 7 6.89 1.83 -3.33
N ARG A 8 6.24 1.64 -4.47
CA ARG A 8 4.78 1.72 -4.53
C ARG A 8 4.15 0.74 -3.56
N TRP A 9 4.73 -0.45 -3.44
CA TRP A 9 4.22 -1.47 -2.54
C TRP A 9 4.49 -1.10 -1.09
N GLY A 10 5.24 -0.03 -0.88
CA GLY A 10 5.55 0.42 0.46
C GLY A 10 4.34 0.89 1.21
N ARG A 11 3.70 1.94 0.71
CA ARG A 11 2.51 2.51 1.34
C ARG A 11 1.25 1.77 0.88
N PHE A 12 1.23 1.38 -0.39
CA PHE A 12 0.08 0.67 -0.96
C PHE A 12 -0.28 -0.53 -0.09
N LEU A 13 0.72 -1.31 0.30
CA LEU A 13 0.49 -2.49 1.13
C LEU A 13 -0.28 -2.12 2.39
N LEU A 14 0.02 -0.96 2.95
CA LEU A 14 -0.67 -0.49 4.16
C LEU A 14 -2.17 -0.40 3.94
N GLN A 15 -2.58 -0.30 2.67
CA GLN A 15 -3.99 -0.19 2.32
C GLN A 15 -4.63 -1.58 2.29
N ARG A 16 -3.81 -2.61 2.38
CA ARG A 16 -4.30 -3.98 2.35
C ARG A 16 -3.94 -4.72 3.63
N GLY A 17 -2.98 -4.17 4.38
CA GLY A 17 -2.56 -4.77 5.63
C GLY A 17 -2.79 -3.87 6.82
N SER A 18 -2.95 -2.58 6.56
CA SER A 18 -3.17 -1.60 7.63
C SER A 18 -4.53 -0.93 7.48
N TRP A 19 -5.14 -1.09 6.31
CA TRP A 19 -6.44 -0.51 6.04
C TRP A 19 -7.48 -1.58 5.73
N THR A 20 -8.09 -2.12 6.78
CA THR A 20 -9.10 -3.16 6.62
C THR A 20 -10.50 -2.59 6.71
N GLY A 21 -10.74 -1.52 5.94
CA GLY A 21 -12.05 -0.89 5.94
C GLY A 21 -13.17 -1.87 5.66
N PRO A 22 -14.42 -1.39 5.72
CA PRO A 22 -15.60 -2.22 5.47
C PRO A 22 -15.73 -2.63 4.01
N ARG A 23 -15.08 -3.73 3.65
CA ARG A 23 -15.12 -4.23 2.27
C ARG A 23 -14.50 -3.22 1.31
N CYS A 24 -13.35 -2.69 1.69
CA CYS A 24 -12.65 -1.70 0.86
C CYS A 24 -11.40 -2.31 0.24
N SER A 1 13.94 4.15 -12.24
CA SER A 1 12.91 4.10 -11.20
C SER A 1 13.27 5.02 -10.04
N ARG A 2 12.35 5.92 -9.69
CA ARG A 2 12.57 6.86 -8.60
C ARG A 2 11.87 6.38 -7.33
N SER A 3 11.94 5.08 -7.07
CA SER A 3 11.32 4.50 -5.88
C SER A 3 9.81 4.68 -5.93
N SER A 4 9.26 4.82 -7.13
CA SER A 4 7.83 5.00 -7.32
C SER A 4 7.14 3.68 -7.59
N LEU A 5 7.93 2.67 -7.94
CA LEU A 5 7.39 1.34 -8.24
C LEU A 5 7.99 0.30 -7.31
N ARG A 6 9.31 0.33 -7.14
CA ARG A 6 9.99 -0.62 -6.27
C ARG A 6 9.80 -0.25 -4.81
N SER A 7 9.14 0.88 -4.56
CA SER A 7 8.88 1.35 -3.21
C SER A 7 7.40 1.59 -2.98
N ARG A 8 6.63 1.56 -4.07
CA ARG A 8 5.18 1.78 -3.99
C ARG A 8 4.53 0.77 -3.04
N TRP A 9 5.06 -0.45 -3.04
CA TRP A 9 4.52 -1.50 -2.19
C TRP A 9 4.91 -1.27 -0.73
N GLY A 10 5.72 -0.25 -0.49
CA GLY A 10 6.15 0.07 0.87
C GLY A 10 5.04 0.68 1.68
N ARG A 11 4.39 1.71 1.14
CA ARG A 11 3.31 2.38 1.84
C ARG A 11 1.95 1.83 1.39
N PHE A 12 1.83 1.50 0.12
CA PHE A 12 0.59 0.97 -0.43
C PHE A 12 0.11 -0.22 0.39
N LEU A 13 1.05 -1.05 0.82
CA LEU A 13 0.73 -2.24 1.61
C LEU A 13 -0.07 -1.86 2.85
N LEU A 14 0.05 -0.62 3.27
CA LEU A 14 -0.67 -0.13 4.44
C LEU A 14 -2.17 -0.07 4.18
N GLN A 15 -2.54 0.04 2.91
CA GLN A 15 -3.95 0.09 2.53
C GLN A 15 -4.55 -1.30 2.46
N ARG A 16 -3.69 -2.32 2.58
CA ARG A 16 -4.15 -3.71 2.53
C ARG A 16 -3.82 -4.43 3.83
N GLY A 17 -2.91 -3.85 4.61
CA GLY A 17 -2.52 -4.45 5.88
C GLY A 17 -2.81 -3.56 7.06
N SER A 18 -2.99 -2.27 6.80
CA SER A 18 -3.27 -1.31 7.86
C SER A 18 -4.65 -0.68 7.65
N TRP A 19 -5.21 -0.85 6.47
CA TRP A 19 -6.52 -0.29 6.14
C TRP A 19 -7.51 -1.40 5.80
N THR A 20 -8.13 -1.97 6.83
CA THR A 20 -9.11 -3.04 6.63
C THR A 20 -10.53 -2.50 6.64
N GLY A 21 -10.75 -1.39 5.93
CA GLY A 21 -12.06 -0.79 5.87
C GLY A 21 -13.13 -1.79 5.47
N PRO A 22 -14.40 -1.36 5.54
CA PRO A 22 -15.55 -2.20 5.18
C PRO A 22 -15.62 -2.48 3.69
N ARG A 23 -15.57 -3.76 3.33
CA ARG A 23 -15.63 -4.16 1.93
C ARG A 23 -16.68 -5.26 1.71
N CYS A 24 -17.18 -5.35 0.49
CA CYS A 24 -18.18 -6.36 0.16
C CYS A 24 -17.54 -7.72 -0.10
N SER A 1 16.42 7.45 -8.71
CA SER A 1 15.65 7.33 -7.47
C SER A 1 14.17 7.08 -7.78
N ARG A 2 13.90 6.02 -8.52
CA ARG A 2 12.53 5.67 -8.88
C ARG A 2 11.78 5.09 -7.68
N SER A 3 11.31 5.97 -6.81
CA SER A 3 10.58 5.54 -5.61
C SER A 3 9.07 5.62 -5.85
N SER A 4 8.66 5.48 -7.11
CA SER A 4 7.25 5.53 -7.46
C SER A 4 6.71 4.14 -7.79
N LEU A 5 7.62 3.20 -8.00
CA LEU A 5 7.25 1.83 -8.32
C LEU A 5 7.84 0.85 -7.31
N ARG A 6 9.14 0.99 -7.04
CA ARG A 6 9.82 0.13 -6.10
C ARG A 6 9.47 0.51 -4.66
N SER A 7 8.72 1.59 -4.50
CA SER A 7 8.32 2.06 -3.18
C SER A 7 6.80 2.19 -3.09
N ARG A 8 6.13 2.08 -4.23
CA ARG A 8 4.68 2.19 -4.28
C ARG A 8 4.03 1.16 -3.36
N TRP A 9 4.64 -0.01 -3.26
CA TRP A 9 4.11 -1.09 -2.43
C TRP A 9 4.40 -0.81 -0.95
N GLY A 10 5.10 0.29 -0.69
CA GLY A 10 5.41 0.65 0.69
C GLY A 10 4.20 1.16 1.44
N ARG A 11 3.59 2.22 0.93
CA ARG A 11 2.42 2.81 1.57
C ARG A 11 1.14 2.13 1.09
N PHE A 12 1.13 1.71 -0.17
CA PHE A 12 -0.03 1.04 -0.74
C PHE A 12 -0.38 -0.21 0.05
N LEU A 13 0.62 -1.01 0.38
CA LEU A 13 0.42 -2.24 1.13
C LEU A 13 -0.28 -1.95 2.46
N LEU A 14 -0.16 -0.71 2.92
CA LEU A 14 -0.77 -0.31 4.18
C LEU A 14 -2.29 -0.29 4.06
N GLN A 15 -2.78 -0.17 2.83
CA GLN A 15 -4.23 -0.14 2.59
C GLN A 15 -4.78 -1.55 2.51
N ARG A 16 -3.90 -2.55 2.50
CA ARG A 16 -4.30 -3.94 2.43
C ARG A 16 -3.84 -4.71 3.65
N GLY A 17 -2.88 -4.14 4.37
CA GLY A 17 -2.35 -4.79 5.56
C GLY A 17 -2.50 -3.93 6.80
N SER A 18 -2.72 -2.64 6.60
CA SER A 18 -2.88 -1.70 7.71
C SER A 18 -4.27 -1.09 7.71
N TRP A 19 -4.99 -1.27 6.61
CA TRP A 19 -6.34 -0.72 6.48
C TRP A 19 -7.36 -1.85 6.25
N THR A 20 -7.87 -2.41 7.34
CA THR A 20 -8.84 -3.49 7.25
C THR A 20 -10.25 -2.99 7.50
N GLY A 21 -10.64 -1.93 6.78
CA GLY A 21 -11.96 -1.36 6.94
C GLY A 21 -13.06 -2.39 6.75
N PRO A 22 -14.33 -1.96 6.93
CA PRO A 22 -15.48 -2.84 6.79
C PRO A 22 -15.72 -3.26 5.34
N ARG A 23 -15.02 -4.30 4.91
CA ARG A 23 -15.16 -4.80 3.55
C ARG A 23 -14.43 -6.13 3.39
N CYS A 24 -15.05 -7.05 2.66
CA CYS A 24 -14.47 -8.37 2.42
C CYS A 24 -13.06 -8.25 1.87
N SER A 1 16.78 6.03 -9.21
CA SER A 1 16.06 6.82 -8.22
C SER A 1 14.56 6.78 -8.48
N ARG A 2 14.03 5.57 -8.68
CA ARG A 2 12.61 5.39 -8.93
C ARG A 2 11.90 4.89 -7.68
N SER A 3 11.43 5.82 -6.86
CA SER A 3 10.73 5.48 -5.62
C SER A 3 9.22 5.53 -5.83
N SER A 4 8.78 5.31 -7.06
CA SER A 4 7.36 5.33 -7.39
C SER A 4 6.83 3.92 -7.61
N LEU A 5 7.74 2.97 -7.79
CA LEU A 5 7.36 1.58 -8.00
C LEU A 5 7.97 0.67 -6.94
N ARG A 6 9.28 0.84 -6.72
CA ARG A 6 9.99 0.03 -5.73
C ARG A 6 9.68 0.51 -4.31
N SER A 7 8.91 1.59 -4.22
CA SER A 7 8.54 2.15 -2.92
C SER A 7 7.02 2.29 -2.81
N ARG A 8 6.33 2.09 -3.91
CA ARG A 8 4.87 2.19 -3.94
C ARG A 8 4.25 1.22 -2.94
N TRP A 9 4.87 0.06 -2.79
CA TRP A 9 4.37 -0.95 -1.86
C TRP A 9 4.64 -0.54 -0.42
N GLY A 10 5.36 0.55 -0.24
CA GLY A 10 5.68 1.02 1.09
C GLY A 10 4.48 1.68 1.77
N ARG A 11 3.84 2.59 1.07
CA ARG A 11 2.68 3.30 1.62
C ARG A 11 1.39 2.58 1.23
N PHE A 12 1.44 1.82 0.15
CA PHE A 12 0.27 1.08 -0.33
C PHE A 12 -0.05 -0.09 0.59
N LEU A 13 0.97 -0.85 0.96
CA LEU A 13 0.80 -2.00 1.84
C LEU A 13 0.07 -1.60 3.12
N LEU A 14 0.27 -0.35 3.55
CA LEU A 14 -0.37 0.16 4.75
C LEU A 14 -1.90 0.07 4.64
N GLN A 15 -2.39 0.12 3.41
CA GLN A 15 -3.83 0.04 3.17
C GLN A 15 -4.31 -1.40 3.16
N ARG A 16 -3.36 -2.33 3.27
CA ARG A 16 -3.69 -3.76 3.27
C ARG A 16 -3.20 -4.42 4.55
N GLY A 17 -2.35 -3.72 5.29
CA GLY A 17 -1.82 -4.26 6.54
C GLY A 17 -2.03 -3.32 7.70
N SER A 18 -2.33 -2.07 7.41
CA SER A 18 -2.56 -1.07 8.45
C SER A 18 -3.98 -0.53 8.40
N TRP A 19 -4.66 -0.77 7.28
CA TRP A 19 -6.03 -0.32 7.10
C TRP A 19 -6.88 -1.40 6.43
N THR A 20 -7.56 -2.19 7.25
CA THR A 20 -8.42 -3.27 6.74
C THR A 20 -9.87 -2.85 6.74
N GLY A 21 -10.14 -1.63 6.28
CA GLY A 21 -11.51 -1.13 6.25
C GLY A 21 -12.40 -2.00 5.39
N PRO A 22 -13.64 -1.52 5.15
CA PRO A 22 -14.63 -2.24 4.34
C PRO A 22 -14.26 -2.27 2.87
N ARG A 23 -14.00 -3.47 2.35
CA ARG A 23 -13.63 -3.64 0.95
C ARG A 23 -14.86 -3.93 0.10
N CYS A 24 -15.65 -4.90 0.53
CA CYS A 24 -16.87 -5.28 -0.20
C CYS A 24 -17.75 -4.07 -0.44
N SER A 1 10.39 7.39 -12.05
CA SER A 1 10.97 6.06 -12.00
C SER A 1 11.93 5.93 -10.83
N ARG A 2 11.70 6.72 -9.78
CA ARG A 2 12.56 6.70 -8.60
C ARG A 2 11.77 6.24 -7.38
N SER A 3 11.88 4.96 -7.05
CA SER A 3 11.18 4.40 -5.91
C SER A 3 9.67 4.57 -6.05
N SER A 4 9.22 4.69 -7.29
CA SER A 4 7.79 4.87 -7.57
C SER A 4 7.13 3.53 -7.89
N LEU A 5 7.96 2.53 -8.18
CA LEU A 5 7.45 1.20 -8.51
C LEU A 5 7.98 0.16 -7.52
N ARG A 6 9.28 0.21 -7.26
CA ARG A 6 9.91 -0.73 -6.33
C ARG A 6 9.60 -0.35 -4.89
N SER A 7 8.92 0.77 -4.70
CA SER A 7 8.58 1.25 -3.37
C SER A 7 7.07 1.49 -3.26
N ARG A 8 6.38 1.44 -4.40
CA ARG A 8 4.94 1.65 -4.41
C ARG A 8 4.23 0.65 -3.50
N TRP A 9 4.77 -0.56 -3.43
CA TRP A 9 4.17 -1.60 -2.60
C TRP A 9 4.48 -1.35 -1.13
N GLY A 10 5.26 -0.32 -0.85
CA GLY A 10 5.61 0.01 0.52
C GLY A 10 4.45 0.61 1.29
N ARG A 11 3.89 1.69 0.75
CA ARG A 11 2.78 2.37 1.39
C ARG A 11 1.45 1.79 0.92
N PHE A 12 1.43 1.29 -0.31
CA PHE A 12 0.21 0.69 -0.88
C PHE A 12 -0.21 -0.52 -0.08
N LEU A 13 0.75 -1.40 0.22
CA LEU A 13 0.46 -2.61 0.98
C LEU A 13 -0.24 -2.28 2.30
N LEU A 14 0.18 -1.19 2.92
CA LEU A 14 -0.41 -0.76 4.19
C LEU A 14 -1.90 -0.52 4.04
N GLN A 15 -2.35 -0.29 2.80
CA GLN A 15 -3.75 -0.05 2.53
C GLN A 15 -4.52 -1.36 2.43
N ARG A 16 -3.80 -2.47 2.40
CA ARG A 16 -4.41 -3.79 2.31
C ARG A 16 -4.07 -4.64 3.54
N GLY A 17 -3.03 -4.21 4.26
CA GLY A 17 -2.62 -4.95 5.45
C GLY A 17 -2.73 -4.12 6.71
N SER A 18 -2.80 -2.80 6.55
CA SER A 18 -2.90 -1.90 7.68
C SER A 18 -4.20 -1.10 7.63
N TRP A 19 -4.85 -1.12 6.47
CA TRP A 19 -6.11 -0.41 6.29
C TRP A 19 -7.25 -1.37 5.95
N THR A 20 -7.85 -1.94 6.98
CA THR A 20 -8.95 -2.88 6.79
C THR A 20 -10.29 -2.19 6.96
N GLY A 21 -10.48 -1.07 6.27
CA GLY A 21 -11.72 -0.34 6.35
C GLY A 21 -12.93 -1.21 6.06
N PRO A 22 -14.13 -0.61 6.19
CA PRO A 22 -15.39 -1.33 5.93
C PRO A 22 -15.59 -1.65 4.46
N ARG A 23 -14.92 -2.69 3.99
CA ARG A 23 -15.02 -3.10 2.59
C ARG A 23 -16.48 -3.30 2.20
N CYS A 24 -17.23 -4.01 3.04
CA CYS A 24 -18.64 -4.28 2.78
C CYS A 24 -19.53 -3.36 3.60
N SER A 1 13.76 4.77 -10.77
CA SER A 1 14.77 4.47 -9.77
C SER A 1 14.70 5.46 -8.61
N ARG A 2 13.52 6.02 -8.39
CA ARG A 2 13.33 6.99 -7.31
C ARG A 2 12.33 6.47 -6.28
N SER A 3 12.53 5.23 -5.85
CA SER A 3 11.65 4.61 -4.87
C SER A 3 10.19 4.83 -5.23
N SER A 4 9.90 4.81 -6.52
CA SER A 4 8.54 5.02 -7.01
C SER A 4 7.94 3.70 -7.49
N LEU A 5 8.78 2.71 -7.69
CA LEU A 5 8.33 1.39 -8.15
C LEU A 5 8.74 0.30 -7.16
N ARG A 6 10.01 0.32 -6.77
CA ARG A 6 10.54 -0.67 -5.83
C ARG A 6 10.08 -0.36 -4.41
N SER A 7 9.40 0.77 -4.24
CA SER A 7 8.91 1.18 -2.93
C SER A 7 7.41 1.45 -2.97
N ARG A 8 6.85 1.47 -4.17
CA ARG A 8 5.42 1.71 -4.34
C ARG A 8 4.60 0.68 -3.56
N TRP A 9 5.10 -0.54 -3.50
CA TRP A 9 4.42 -1.62 -2.78
C TRP A 9 4.52 -1.42 -1.27
N GLY A 10 5.30 -0.42 -0.86
CA GLY A 10 5.47 -0.14 0.56
C GLY A 10 4.23 0.47 1.18
N ARG A 11 3.75 1.56 0.58
CA ARG A 11 2.56 2.24 1.09
C ARG A 11 1.30 1.69 0.43
N PHE A 12 1.43 1.21 -0.80
CA PHE A 12 0.30 0.66 -1.53
C PHE A 12 -0.25 -0.58 -0.83
N LEU A 13 0.65 -1.46 -0.42
CA LEU A 13 0.24 -2.70 0.26
C LEU A 13 -0.63 -2.37 1.47
N LEU A 14 -0.29 -1.30 2.17
CA LEU A 14 -1.05 -0.89 3.34
C LEU A 14 -2.51 -0.64 3.00
N GLN A 15 -2.77 -0.38 1.71
CA GLN A 15 -4.13 -0.11 1.25
C GLN A 15 -4.89 -1.41 1.03
N ARG A 16 -4.17 -2.53 1.07
CA ARG A 16 -4.77 -3.84 0.88
C ARG A 16 -4.60 -4.71 2.11
N GLY A 17 -3.68 -4.33 2.99
CA GLY A 17 -3.44 -5.08 4.20
C GLY A 17 -3.71 -4.27 5.46
N SER A 18 -3.75 -2.95 5.30
CA SER A 18 -4.00 -2.07 6.44
C SER A 18 -5.28 -1.26 6.22
N TRP A 19 -5.77 -1.25 4.99
CA TRP A 19 -6.98 -0.52 4.65
C TRP A 19 -8.06 -1.47 4.15
N THR A 20 -8.82 -2.05 5.08
CA THR A 20 -9.89 -2.98 4.72
C THR A 20 -11.25 -2.28 4.72
N GLY A 21 -11.23 -0.98 5.01
CA GLY A 21 -12.47 -0.22 5.04
C GLY A 21 -13.49 -0.80 6.00
N PRO A 22 -14.64 -0.13 6.13
CA PRO A 22 -15.72 -0.56 7.02
C PRO A 22 -16.40 -1.84 6.53
N ARG A 23 -16.08 -2.95 7.15
CA ARG A 23 -16.66 -4.24 6.76
C ARG A 23 -18.11 -4.32 7.21
N CYS A 24 -18.90 -5.11 6.49
CA CYS A 24 -20.31 -5.27 6.80
C CYS A 24 -20.49 -5.77 8.23
N SER A 1 17.27 8.00 -5.80
CA SER A 1 17.07 6.79 -6.60
C SER A 1 15.61 6.65 -7.00
N ARG A 2 15.31 5.61 -7.78
CA ARG A 2 13.95 5.36 -8.24
C ARG A 2 13.10 4.77 -7.11
N SER A 3 12.59 5.64 -6.24
CA SER A 3 11.76 5.20 -5.12
C SER A 3 10.29 5.42 -5.42
N SER A 4 9.94 5.39 -6.71
CA SER A 4 8.55 5.59 -7.14
C SER A 4 7.92 4.26 -7.54
N LEU A 5 8.75 3.25 -7.75
CA LEU A 5 8.26 1.93 -8.14
C LEU A 5 8.72 0.87 -7.14
N ARG A 6 10.00 0.89 -6.80
CA ARG A 6 10.57 -0.06 -5.86
C ARG A 6 10.17 0.28 -4.43
N SER A 7 9.49 1.41 -4.27
CA SER A 7 9.06 1.86 -2.95
C SER A 7 7.55 2.11 -2.93
N ARG A 8 6.94 2.12 -4.11
CA ARG A 8 5.50 2.35 -4.22
C ARG A 8 4.73 1.32 -3.40
N TRP A 9 5.21 0.09 -3.39
CA TRP A 9 4.55 -0.97 -2.64
C TRP A 9 4.77 -0.81 -1.14
N GLY A 10 5.59 0.18 -0.78
CA GLY A 10 5.87 0.43 0.63
C GLY A 10 4.67 0.97 1.36
N ARG A 11 4.08 2.04 0.84
CA ARG A 11 2.92 2.67 1.46
C ARG A 11 1.62 2.10 0.88
N PHE A 12 1.63 1.84 -0.42
CA PHE A 12 0.46 1.29 -1.09
C PHE A 12 -0.06 0.05 -0.37
N LEU A 13 0.87 -0.81 0.03
CA LEU A 13 0.51 -2.05 0.73
C LEU A 13 -0.37 -1.74 1.94
N LEU A 14 -0.19 -0.56 2.52
CA LEU A 14 -0.98 -0.16 3.68
C LEU A 14 -2.47 -0.16 3.35
N GLN A 15 -2.80 0.06 2.09
CA GLN A 15 -4.18 0.07 1.64
C GLN A 15 -4.71 -1.35 1.41
N ARG A 16 -3.81 -2.33 1.55
CA ARG A 16 -4.18 -3.72 1.35
C ARG A 16 -3.88 -4.55 2.60
N GLY A 17 -3.12 -3.96 3.52
CA GLY A 17 -2.78 -4.65 4.74
C GLY A 17 -3.13 -3.85 5.99
N SER A 18 -3.35 -2.55 5.80
CA SER A 18 -3.69 -1.66 6.91
C SER A 18 -5.07 -1.07 6.73
N TRP A 19 -5.60 -1.16 5.51
CA TRP A 19 -6.91 -0.62 5.20
C TRP A 19 -7.69 -1.58 4.31
N THR A 20 -8.54 -2.40 4.92
CA THR A 20 -9.33 -3.36 4.18
C THR A 20 -10.76 -2.86 3.97
N GLY A 21 -10.94 -1.55 4.13
CA GLY A 21 -12.26 -0.96 3.96
C GLY A 21 -13.32 -1.66 4.77
N PRO A 22 -14.59 -1.31 4.50
CA PRO A 22 -15.74 -1.90 5.21
C PRO A 22 -15.95 -3.37 4.83
N ARG A 23 -15.60 -4.27 5.73
CA ARG A 23 -15.76 -5.70 5.50
C ARG A 23 -17.21 -6.12 5.67
N CYS A 24 -17.66 -6.19 6.92
CA CYS A 24 -19.04 -6.58 7.22
C CYS A 24 -19.96 -5.37 7.21
N SER A 1 12.75 5.82 -11.52
CA SER A 1 13.41 4.82 -10.67
C SER A 1 13.93 5.48 -9.39
N ARG A 2 13.10 6.31 -8.77
CA ARG A 2 13.48 7.00 -7.55
C ARG A 2 12.57 6.58 -6.39
N SER A 3 12.51 5.28 -6.12
CA SER A 3 11.68 4.75 -5.05
C SER A 3 10.21 5.11 -5.28
N SER A 4 9.83 5.25 -6.55
CA SER A 4 8.46 5.60 -6.90
C SER A 4 7.72 4.39 -7.47
N LEU A 5 8.48 3.36 -7.85
CA LEU A 5 7.91 2.15 -8.40
C LEU A 5 8.30 0.93 -7.57
N ARG A 6 9.59 0.81 -7.28
CA ARG A 6 10.08 -0.31 -6.50
C ARG A 6 9.76 -0.13 -5.01
N SER A 7 9.17 1.01 -4.68
CA SER A 7 8.80 1.32 -3.30
C SER A 7 7.33 1.69 -3.21
N ARG A 8 6.68 1.87 -4.36
CA ARG A 8 5.27 2.22 -4.40
C ARG A 8 4.43 1.19 -3.67
N TRP A 9 4.86 -0.07 -3.74
CA TRP A 9 4.14 -1.16 -3.09
C TRP A 9 4.34 -1.12 -1.57
N GLY A 10 5.19 -0.21 -1.12
CA GLY A 10 5.45 -0.07 0.31
C GLY A 10 4.32 0.62 1.05
N ARG A 11 3.88 1.75 0.50
CA ARG A 11 2.80 2.52 1.12
C ARG A 11 1.46 2.15 0.51
N PHE A 12 1.49 1.60 -0.71
CA PHE A 12 0.27 1.21 -1.41
C PHE A 12 -0.31 -0.05 -0.80
N LEU A 13 0.55 -1.02 -0.50
CA LEU A 13 0.11 -2.29 0.09
C LEU A 13 -0.67 -2.05 1.37
N LEU A 14 -0.43 -0.91 2.00
CA LEU A 14 -1.11 -0.55 3.24
C LEU A 14 -2.59 -0.29 2.99
N GLN A 15 -2.92 0.05 1.76
CA GLN A 15 -4.31 0.31 1.39
C GLN A 15 -5.06 -0.98 1.09
N ARG A 16 -4.32 -2.08 1.03
CA ARG A 16 -4.91 -3.38 0.75
C ARG A 16 -4.69 -4.34 1.91
N GLY A 17 -3.74 -4.01 2.78
CA GLY A 17 -3.45 -4.85 3.92
C GLY A 17 -3.64 -4.13 5.24
N SER A 18 -3.68 -2.80 5.18
CA SER A 18 -3.85 -1.99 6.38
C SER A 18 -5.15 -1.18 6.31
N TRP A 19 -5.73 -1.10 5.11
CA TRP A 19 -6.97 -0.37 4.91
C TRP A 19 -8.07 -1.29 4.41
N THR A 20 -8.79 -1.90 5.35
CA THR A 20 -9.88 -2.81 5.01
C THR A 20 -11.23 -2.13 5.17
N GLY A 21 -11.21 -0.84 5.47
CA GLY A 21 -12.44 -0.09 5.65
C GLY A 21 -13.36 -0.71 6.69
N PRO A 22 -14.52 -0.09 6.91
CA PRO A 22 -15.51 -0.57 7.88
C PRO A 22 -16.18 -1.86 7.43
N ARG A 23 -15.50 -2.98 7.62
CA ARG A 23 -16.04 -4.28 7.23
C ARG A 23 -16.54 -5.05 8.45
N CYS A 24 -17.57 -5.86 8.25
CA CYS A 24 -18.14 -6.65 9.33
C CYS A 24 -17.17 -7.71 9.80
N SER A 1 13.95 4.20 -11.87
CA SER A 1 12.73 4.63 -11.22
C SER A 1 13.03 5.55 -10.04
N ARG A 2 12.05 6.37 -9.68
CA ARG A 2 12.21 7.32 -8.57
C ARG A 2 11.38 6.88 -7.37
N SER A 3 11.63 5.66 -6.89
CA SER A 3 10.91 5.13 -5.74
C SER A 3 9.41 5.05 -6.03
N SER A 4 9.06 4.95 -7.32
CA SER A 4 7.67 4.87 -7.74
C SER A 4 7.22 3.41 -7.87
N LEU A 5 8.19 2.51 -7.91
CA LEU A 5 7.90 1.08 -8.04
C LEU A 5 8.51 0.30 -6.88
N ARG A 6 9.76 0.59 -6.56
CA ARG A 6 10.44 -0.08 -5.46
C ARG A 6 9.92 0.40 -4.11
N SER A 7 9.06 1.41 -4.14
CA SER A 7 8.49 1.97 -2.91
C SER A 7 6.98 1.83 -2.92
N ARG A 8 6.40 1.64 -4.11
CA ARG A 8 4.96 1.50 -4.24
C ARG A 8 4.42 0.44 -3.28
N TRP A 9 4.96 -0.77 -3.38
CA TRP A 9 4.53 -1.86 -2.51
C TRP A 9 4.72 -1.51 -1.04
N GLY A 10 5.56 -0.51 -0.79
CA GLY A 10 5.81 -0.09 0.58
C GLY A 10 4.57 0.44 1.28
N ARG A 11 4.02 1.51 0.74
CA ARG A 11 2.81 2.11 1.31
C ARG A 11 1.56 1.39 0.83
N PHE A 12 1.57 0.99 -0.44
CA PHE A 12 0.43 0.30 -1.03
C PHE A 12 0.01 -0.90 -0.17
N LEU A 13 1.00 -1.69 0.23
CA LEU A 13 0.75 -2.86 1.05
C LEU A 13 -0.01 -2.48 2.32
N LEU A 14 0.33 -1.33 2.88
CA LEU A 14 -0.33 -0.85 4.10
C LEU A 14 -1.83 -0.68 3.88
N GLN A 15 -2.24 -0.59 2.62
CA GLN A 15 -3.64 -0.42 2.28
C GLN A 15 -4.35 -1.77 2.25
N ARG A 16 -3.57 -2.85 2.32
CA ARG A 16 -4.13 -4.20 2.30
C ARG A 16 -3.78 -4.95 3.58
N GLY A 17 -2.80 -4.44 4.30
CA GLY A 17 -2.39 -5.08 5.55
C GLY A 17 -2.51 -4.14 6.74
N SER A 18 -2.61 -2.85 6.47
CA SER A 18 -2.72 -1.86 7.53
C SER A 18 -4.05 -1.11 7.43
N TRP A 19 -4.72 -1.26 6.30
CA TRP A 19 -6.01 -0.59 6.08
C TRP A 19 -7.10 -1.62 5.83
N THR A 20 -7.73 -2.10 6.91
CA THR A 20 -8.80 -3.08 6.80
C THR A 20 -10.16 -2.42 6.95
N GLY A 21 -10.38 -1.34 6.18
CA GLY A 21 -11.65 -0.65 6.25
C GLY A 21 -12.84 -1.57 6.02
N PRO A 22 -14.05 -1.01 6.13
CA PRO A 22 -15.29 -1.77 5.94
C PRO A 22 -15.50 -2.18 4.49
N ARG A 23 -14.98 -3.35 4.13
CA ARG A 23 -15.11 -3.87 2.77
C ARG A 23 -16.18 -4.95 2.70
N CYS A 24 -17.37 -4.57 2.22
CA CYS A 24 -18.47 -5.51 2.09
C CYS A 24 -18.31 -6.39 0.85
N SER A 1 17.08 6.81 -4.49
CA SER A 1 16.41 7.26 -5.69
C SER A 1 15.54 6.14 -6.27
N ARG A 2 14.69 6.49 -7.23
CA ARG A 2 13.80 5.52 -7.86
C ARG A 2 12.97 4.79 -6.81
N SER A 3 12.43 5.54 -5.86
CA SER A 3 11.61 4.96 -4.80
C SER A 3 10.15 5.30 -5.01
N SER A 4 9.75 5.48 -6.27
CA SER A 4 8.38 5.81 -6.60
C SER A 4 7.66 4.61 -7.22
N LEU A 5 8.44 3.62 -7.64
CA LEU A 5 7.88 2.42 -8.25
C LEU A 5 8.29 1.17 -7.48
N ARG A 6 9.59 1.06 -7.19
CA ARG A 6 10.11 -0.08 -6.45
C ARG A 6 9.78 0.03 -4.97
N SER A 7 9.18 1.16 -4.58
CA SER A 7 8.83 1.39 -3.19
C SER A 7 7.34 1.73 -3.08
N ARG A 8 6.69 1.95 -4.21
CA ARG A 8 5.27 2.28 -4.23
C ARG A 8 4.45 1.18 -3.55
N TRP A 9 4.91 -0.05 -3.67
CA TRP A 9 4.21 -1.18 -3.06
C TRP A 9 4.42 -1.20 -1.55
N GLY A 10 5.25 -0.29 -1.06
CA GLY A 10 5.52 -0.22 0.37
C GLY A 10 4.38 0.44 1.13
N ARG A 11 3.90 1.57 0.63
CA ARG A 11 2.81 2.30 1.28
C ARG A 11 1.46 1.92 0.65
N PHE A 12 1.48 1.65 -0.64
CA PHE A 12 0.26 1.28 -1.36
C PHE A 12 -0.34 0.00 -0.79
N LEU A 13 0.52 -0.97 -0.52
CA LEU A 13 0.07 -2.25 0.04
C LEU A 13 -0.73 -2.04 1.31
N LEU A 14 -0.52 -0.90 1.96
CA LEU A 14 -1.21 -0.59 3.20
C LEU A 14 -2.71 -0.36 2.94
N GLN A 15 -3.04 -0.02 1.70
CA GLN A 15 -4.43 0.22 1.32
C GLN A 15 -5.14 -1.08 0.99
N ARG A 16 -4.37 -2.16 0.92
CA ARG A 16 -4.92 -3.47 0.61
C ARG A 16 -4.69 -4.46 1.76
N GLY A 17 -3.76 -4.10 2.64
CA GLY A 17 -3.45 -4.96 3.78
C GLY A 17 -3.65 -4.25 5.11
N SER A 18 -3.71 -2.93 5.07
CA SER A 18 -3.90 -2.13 6.28
C SER A 18 -5.21 -1.36 6.22
N TRP A 19 -5.80 -1.29 5.03
CA TRP A 19 -7.06 -0.57 4.85
C TRP A 19 -8.14 -1.51 4.35
N THR A 20 -8.84 -2.15 5.29
CA THR A 20 -9.92 -3.07 4.95
C THR A 20 -11.28 -2.43 5.13
N GLY A 21 -11.28 -1.13 5.40
CA GLY A 21 -12.54 -0.41 5.59
C GLY A 21 -13.42 -1.04 6.65
N PRO A 22 -14.61 -0.46 6.87
CA PRO A 22 -15.56 -0.96 7.86
C PRO A 22 -16.17 -2.30 7.46
N ARG A 23 -15.47 -3.39 7.76
CA ARG A 23 -15.94 -4.72 7.43
C ARG A 23 -16.03 -5.59 8.68
N CYS A 24 -17.11 -6.37 8.78
CA CYS A 24 -17.31 -7.25 9.92
C CYS A 24 -16.76 -8.65 9.64
#